data_6TTO
#
_entry.id   6TTO
#
_cell.length_a   39.896
_cell.length_b   79.808
_cell.length_c   104.437
_cell.angle_alpha   90.000
_cell.angle_beta   90.000
_cell.angle_gamma   90.000
#
_symmetry.space_group_name_H-M   'P 21 21 21'
#
loop_
_entity.id
_entity.type
_entity.pdbx_description
1 polymer 'Hyoscyamine 6 beta-hydroxylase'
2 non-polymer '2-OXOGLUTARIC ACID'
3 non-polymer 1,2-ETHANEDIOL
4 non-polymer 'FORMIC ACID'
5 non-polymer 'NICKEL (II) ION'
6 non-polymer 'STRONTIUM ION'
7 non-polymer 'SODIUM ION'
8 water water
#
_entity_poly.entity_id   1
_entity_poly.type   'polypeptide(L)'
_entity_poly.pdbx_seq_one_letter_code
;SNADVPIIDLQQDHLLIVQQITKACQDFGLFQVINHGVPEKLMVEAMEVYKEFFALPAEEKEKFQPKGEPAKFELPLEQK
AKLYVEGERRCNEEFLYWKDTLAHGCYPLHEELLNSWPEKPPTYRDVIAKYSVEVRKLTMRILDYICEGLGLKLGYFDNE
LTQIQMLLANYYPSCPDPSTTIGSGGHYDGNLITLLQQDLVGLQQLIVKDDKWIAVEPIPTAFVVNLGLTLKVMSNEKFE
GSIHRVVTHPIRNRISIGTLIGPDYSCTIEPIKELISQENPPLYKPYPYAEFAEIYLSDKSDYDAGVKPYKINQFPN
;
_entity_poly.pdbx_strand_id   A
#
# COMPACT_ATOMS: atom_id res chain seq x y z
N VAL A 5 -1.44 7.45 -16.59
CA VAL A 5 -1.76 6.42 -15.61
C VAL A 5 -2.92 5.58 -16.16
N PRO A 6 -2.65 4.33 -16.53
CA PRO A 6 -3.71 3.53 -17.15
C PRO A 6 -4.88 3.30 -16.20
N ILE A 7 -6.09 3.34 -16.75
N ILE A 7 -6.08 3.44 -16.73
CA ILE A 7 -7.33 3.04 -16.03
CA ILE A 7 -7.31 3.03 -16.07
C ILE A 7 -7.95 1.82 -16.70
C ILE A 7 -7.76 1.76 -16.77
N ILE A 8 -7.92 0.68 -16.01
CA ILE A 8 -8.20 -0.64 -16.57
C ILE A 8 -9.56 -1.12 -16.10
N ASP A 9 -10.45 -1.35 -17.06
CA ASP A 9 -11.82 -1.82 -16.82
C ASP A 9 -11.79 -3.33 -16.68
N LEU A 10 -12.09 -3.82 -15.48
CA LEU A 10 -12.06 -5.24 -15.22
C LEU A 10 -13.30 -6.00 -15.72
N GLN A 11 -14.19 -5.32 -16.44
CA GLN A 11 -15.26 -6.03 -17.15
C GLN A 11 -15.01 -6.13 -18.64
N GLN A 12 -13.84 -5.73 -19.13
CA GLN A 12 -13.41 -6.03 -20.50
C GLN A 12 -13.10 -7.51 -20.66
N ASP A 13 -12.86 -7.92 -21.92
CA ASP A 13 -12.40 -9.27 -22.20
C ASP A 13 -11.17 -9.62 -21.36
N HIS A 14 -11.16 -10.85 -20.88
CA HIS A 14 -10.05 -11.36 -20.07
C HIS A 14 -8.69 -11.08 -20.69
N LEU A 15 -8.50 -11.39 -21.96
CA LEU A 15 -7.19 -11.23 -22.56
C LEU A 15 -6.77 -9.77 -22.62
N LEU A 16 -7.68 -8.85 -22.92
CA LEU A 16 -7.36 -7.44 -22.87
C LEU A 16 -6.91 -7.01 -21.47
N ILE A 17 -7.58 -7.51 -20.43
CA ILE A 17 -7.18 -7.17 -19.05
C ILE A 17 -5.76 -7.63 -18.82
N VAL A 18 -5.45 -8.87 -19.16
CA VAL A 18 -4.10 -9.40 -18.97
C VAL A 18 -3.10 -8.51 -19.70
N GLN A 19 -3.40 -8.18 -20.95
CA GLN A 19 -2.46 -7.40 -21.75
C GLN A 19 -2.26 -6.01 -21.16
N GLN A 20 -3.35 -5.36 -20.75
CA GLN A 20 -3.24 -3.99 -20.23
C GLN A 20 -2.57 -3.97 -18.88
N ILE A 21 -2.89 -4.92 -18.00
CA ILE A 21 -2.22 -4.97 -16.69
C ILE A 21 -0.74 -5.24 -16.90
N THR A 22 -0.40 -6.17 -17.78
CA THR A 22 1.01 -6.49 -17.98
C THR A 22 1.78 -5.27 -18.44
N LYS A 23 1.23 -4.54 -19.42
CA LYS A 23 1.90 -3.36 -19.94
C LYS A 23 2.05 -2.30 -18.86
N ALA A 24 1.00 -2.10 -18.05
CA ALA A 24 1.12 -1.11 -16.97
C ALA A 24 2.18 -1.51 -15.96
N CYS A 25 2.26 -2.81 -15.65
CA CYS A 25 3.27 -3.28 -14.70
C CYS A 25 4.67 -3.10 -15.26
N GLN A 26 4.86 -3.36 -16.56
CA GLN A 26 6.15 -3.17 -17.20
C GLN A 26 6.54 -1.71 -17.27
N ASP A 27 5.56 -0.83 -17.52
CA ASP A 27 5.85 0.56 -17.86
C ASP A 27 5.89 1.45 -16.64
N PHE A 28 4.98 1.25 -15.68
CA PHE A 28 4.78 2.20 -14.59
C PHE A 28 4.81 1.57 -13.18
N GLY A 29 4.35 0.34 -13.05
CA GLY A 29 4.15 -0.24 -11.74
C GLY A 29 2.96 0.30 -11.00
N LEU A 30 2.08 1.04 -11.68
CA LEU A 30 0.90 1.65 -11.07
C LEU A 30 -0.17 1.72 -12.15
N PHE A 31 -1.40 1.44 -11.75
CA PHE A 31 -2.55 1.60 -12.63
C PHE A 31 -3.77 1.70 -11.74
N GLN A 32 -4.91 2.10 -12.31
CA GLN A 32 -6.17 2.07 -11.58
C GLN A 32 -7.05 0.99 -12.19
N VAL A 33 -7.94 0.46 -11.38
CA VAL A 33 -8.96 -0.50 -11.85
C VAL A 33 -10.35 0.04 -11.55
N ILE A 34 -11.24 -0.10 -12.53
CA ILE A 34 -12.65 0.20 -12.41
C ILE A 34 -13.47 -1.03 -12.78
N ASN A 35 -14.74 -0.98 -12.42
CA ASN A 35 -15.66 -2.11 -12.63
C ASN A 35 -15.06 -3.38 -12.06
N HIS A 36 -14.50 -3.25 -10.87
CA HIS A 36 -13.66 -4.27 -10.22
C HIS A 36 -14.40 -5.22 -9.31
N GLY A 37 -15.72 -5.09 -9.16
CA GLY A 37 -16.50 -6.04 -8.42
C GLY A 37 -16.64 -5.80 -6.93
N VAL A 38 -15.84 -4.87 -6.36
CA VAL A 38 -16.04 -4.55 -4.95
C VAL A 38 -17.24 -3.61 -4.83
N PRO A 39 -18.21 -3.89 -3.95
CA PRO A 39 -19.38 -3.02 -3.90
C PRO A 39 -19.04 -1.57 -3.64
N GLU A 40 -19.57 -0.67 -4.45
CA GLU A 40 -19.37 0.75 -4.25
C GLU A 40 -19.91 1.19 -2.90
N LYS A 41 -21.05 0.63 -2.49
N LYS A 41 -21.05 0.63 -2.49
CA LYS A 41 -21.64 0.98 -1.22
CA LYS A 41 -21.63 1.01 -1.21
C LYS A 41 -20.69 0.66 -0.08
C LYS A 41 -20.70 0.67 -0.07
N LEU A 42 -19.97 -0.44 -0.20
CA LEU A 42 -19.01 -0.84 0.83
C LEU A 42 -17.79 0.09 0.83
N MET A 43 -17.32 0.51 -0.35
CA MET A 43 -16.25 1.50 -0.41
C MET A 43 -16.66 2.80 0.23
N VAL A 44 -17.88 3.26 0.00
CA VAL A 44 -18.36 4.50 0.60
C VAL A 44 -18.49 4.33 2.11
N GLU A 45 -19.03 3.20 2.57
CA GLU A 45 -19.17 2.96 4.00
C GLU A 45 -17.83 2.91 4.67
N ALA A 46 -16.84 2.29 4.04
CA ALA A 46 -15.51 2.24 4.66
C ALA A 46 -14.93 3.64 4.80
N MET A 47 -15.05 4.48 3.78
CA MET A 47 -14.56 5.86 3.89
C MET A 47 -15.32 6.60 4.99
N GLU A 48 -16.63 6.37 5.10
N GLU A 48 -16.62 6.37 5.12
CA GLU A 48 -17.40 7.02 6.17
CA GLU A 48 -17.41 7.01 6.16
C GLU A 48 -16.92 6.56 7.53
C GLU A 48 -16.94 6.55 7.54
N VAL A 49 -16.60 5.27 7.69
CA VAL A 49 -16.05 4.78 8.95
C VAL A 49 -14.78 5.52 9.32
N TYR A 50 -13.87 5.71 8.37
CA TYR A 50 -12.62 6.40 8.67
C TYR A 50 -12.85 7.89 8.93
N LYS A 51 -13.76 8.52 8.21
CA LYS A 51 -14.10 9.90 8.55
C LYS A 51 -14.59 9.99 9.99
N GLU A 52 -15.44 9.06 10.39
N GLU A 52 -15.49 9.09 10.37
CA GLU A 52 -15.95 9.07 11.75
CA GLU A 52 -15.95 9.07 11.75
C GLU A 52 -14.86 8.73 12.76
C GLU A 52 -14.78 8.81 12.71
N PHE A 53 -13.98 7.79 12.42
CA PHE A 53 -12.90 7.44 13.32
C PHE A 53 -11.97 8.63 13.58
N PHE A 54 -11.50 9.27 12.51
CA PHE A 54 -10.53 10.34 12.68
C PHE A 54 -11.16 11.57 13.34
N ALA A 55 -12.48 11.67 13.32
CA ALA A 55 -13.17 12.76 14.01
C ALA A 55 -13.46 12.46 15.49
N LEU A 56 -13.16 11.24 15.95
CA LEU A 56 -13.40 10.91 17.33
C LEU A 56 -12.55 11.78 18.25
N PRO A 57 -12.96 11.94 19.50
CA PRO A 57 -12.16 12.72 20.45
C PRO A 57 -10.83 12.04 20.74
N ALA A 58 -9.89 12.87 21.21
CA ALA A 58 -8.56 12.39 21.58
C ALA A 58 -8.63 11.22 22.56
N GLU A 59 -9.61 11.23 23.47
CA GLU A 59 -9.73 10.15 24.46
C GLU A 59 -9.95 8.77 23.80
N GLU A 60 -10.67 8.73 22.69
CA GLU A 60 -10.82 7.47 21.97
C GLU A 60 -9.54 7.07 21.29
N LYS A 61 -8.82 8.03 20.73
CA LYS A 61 -7.58 7.70 20.03
C LYS A 61 -6.50 7.17 20.95
N GLU A 62 -6.57 7.46 22.23
CA GLU A 62 -5.59 6.90 23.18
C GLU A 62 -5.65 5.39 23.22
N LYS A 63 -6.80 4.79 22.85
CA LYS A 63 -6.93 3.34 22.86
C LYS A 63 -5.97 2.66 21.88
N PHE A 64 -5.47 3.41 20.90
CA PHE A 64 -4.61 2.90 19.84
C PHE A 64 -3.18 3.33 19.96
N GLN A 65 -2.83 3.98 21.10
CA GLN A 65 -1.48 4.46 21.35
C GLN A 65 -0.82 3.52 22.32
N PRO A 66 0.06 2.63 21.87
N PRO A 66 0.07 2.64 21.87
CA PRO A 66 0.72 1.71 22.80
CA PRO A 66 0.69 1.70 22.80
C PRO A 66 1.51 2.49 23.85
C PRO A 66 1.53 2.43 23.84
N LYS A 67 1.26 2.13 25.09
CA LYS A 67 1.97 2.75 26.22
C LYS A 67 1.80 4.26 26.19
N GLY A 68 0.69 4.75 25.67
CA GLY A 68 0.32 6.14 25.73
C GLY A 68 0.87 7.04 24.66
N GLU A 69 1.57 6.51 23.65
CA GLU A 69 2.05 7.36 22.58
C GLU A 69 1.84 6.65 21.25
N PRO A 70 1.79 7.40 20.15
CA PRO A 70 1.63 6.77 18.84
C PRO A 70 2.77 5.82 18.52
N ALA A 71 2.44 4.83 17.71
CA ALA A 71 3.42 3.89 17.20
C ALA A 71 4.24 4.55 16.10
N LYS A 72 5.38 3.94 15.82
CA LYS A 72 6.24 4.38 14.74
C LYS A 72 6.39 3.24 13.75
N PHE A 73 6.68 3.59 12.50
CA PHE A 73 6.91 2.56 11.48
C PHE A 73 8.32 2.00 11.64
N GLU A 74 8.42 0.96 12.47
CA GLU A 74 9.68 0.30 12.82
C GLU A 74 9.33 -1.14 13.15
N LEU A 75 10.32 -2.02 13.10
CA LEU A 75 10.05 -3.42 13.40
C LEU A 75 9.98 -3.63 14.90
N PRO A 76 9.14 -4.57 15.37
CA PRO A 76 8.21 -5.38 14.60
C PRO A 76 7.02 -4.56 14.20
N LEU A 77 6.56 -4.74 12.98
N LEU A 77 6.56 -4.72 12.96
CA LEU A 77 5.34 -4.10 12.48
CA LEU A 77 5.34 -4.08 12.49
C LEU A 77 4.19 -5.01 12.84
C LEU A 77 4.19 -5.02 12.86
N GLU A 78 3.54 -4.72 13.97
CA GLU A 78 2.55 -5.59 14.54
C GLU A 78 1.26 -5.49 13.75
N GLN A 79 0.47 -6.55 13.83
CA GLN A 79 -0.84 -6.54 13.19
C GLN A 79 -1.95 -5.97 14.08
N LYS A 80 -1.80 -5.96 15.41
CA LYS A 80 -2.86 -5.37 16.22
C LYS A 80 -2.98 -3.90 15.88
N ALA A 81 -4.20 -3.38 15.98
CA ALA A 81 -4.46 -2.02 15.52
C ALA A 81 -3.73 -1.00 16.38
N LYS A 82 -3.10 -0.05 15.72
CA LYS A 82 -2.36 1.03 16.39
C LYS A 82 -2.46 2.29 15.55
N LEU A 83 -2.40 3.43 16.22
N LEU A 83 -2.30 3.43 16.21
CA LEU A 83 -2.22 4.71 15.57
CA LEU A 83 -2.27 4.73 15.57
C LEU A 83 -0.74 5.02 15.45
C LEU A 83 -0.82 5.20 15.48
N TYR A 84 -0.33 5.42 14.27
CA TYR A 84 1.03 5.77 13.95
C TYR A 84 1.06 7.24 13.57
N VAL A 85 2.19 7.91 13.82
N VAL A 85 2.18 7.87 13.86
CA VAL A 85 2.34 9.33 13.52
CA VAL A 85 2.40 9.24 13.44
C VAL A 85 3.73 9.56 12.96
C VAL A 85 3.68 9.25 12.64
N GLU A 86 3.81 10.25 11.81
CA GLU A 86 5.09 10.57 11.21
C GLU A 86 5.00 11.91 10.51
N GLY A 87 6.16 12.44 10.16
CA GLY A 87 6.26 13.63 9.36
C GLY A 87 5.67 14.87 10.00
N GLU A 88 6.29 15.35 11.06
CA GLU A 88 5.83 16.59 11.68
C GLU A 88 6.07 17.75 10.71
N ARG A 89 5.12 18.69 10.69
CA ARG A 89 5.16 19.86 9.83
C ARG A 89 4.63 21.04 10.60
N ARG A 90 4.97 22.24 10.15
CA ARG A 90 4.42 23.48 10.70
C ARG A 90 3.46 24.06 9.67
N CYS A 91 2.28 24.46 10.11
CA CYS A 91 1.31 25.09 9.24
C CYS A 91 1.22 26.58 9.54
N ASN A 92 1.29 27.39 8.50
CA ASN A 92 1.13 28.84 8.62
C ASN A 92 2.14 29.45 9.59
N GLU A 93 3.27 28.77 9.81
CA GLU A 93 4.27 29.19 10.79
C GLU A 93 3.68 29.24 12.20
N GLU A 94 2.63 28.44 12.42
CA GLU A 94 1.85 28.51 13.65
C GLU A 94 1.69 27.15 14.30
N PHE A 95 0.77 26.34 13.77
CA PHE A 95 0.41 25.08 14.39
C PHE A 95 1.21 23.94 13.79
N LEU A 96 1.61 22.99 14.64
CA LEU A 96 2.20 21.74 14.19
C LEU A 96 1.09 20.77 13.76
N TYR A 97 1.40 19.97 12.74
CA TYR A 97 0.54 18.86 12.34
C TYR A 97 1.43 17.72 11.88
N TRP A 98 0.83 16.53 11.76
CA TRP A 98 1.51 15.31 11.37
C TRP A 98 0.61 14.48 10.45
N LYS A 99 1.16 13.38 9.93
N LYS A 99 1.17 13.40 9.91
CA LYS A 99 0.40 12.39 9.20
CA LYS A 99 0.38 12.39 9.19
C LYS A 99 0.03 11.28 10.17
C LYS A 99 0.01 11.31 10.18
N ASP A 100 -1.27 10.97 10.26
CA ASP A 100 -1.77 9.96 11.18
C ASP A 100 -2.16 8.75 10.35
N THR A 101 -1.84 7.57 10.83
CA THR A 101 -2.23 6.33 10.17
C THR A 101 -2.81 5.38 11.20
N LEU A 102 -4.02 4.90 11.00
CA LEU A 102 -4.54 3.77 11.74
C LEU A 102 -4.20 2.53 10.94
N ALA A 103 -3.47 1.58 11.50
CA ALA A 103 -3.10 0.38 10.74
C ALA A 103 -3.35 -0.88 11.54
N HIS A 104 -3.76 -1.95 10.85
CA HIS A 104 -3.92 -3.24 11.46
C HIS A 104 -3.88 -4.31 10.39
N GLY A 105 -3.52 -5.51 10.82
CA GLY A 105 -3.70 -6.68 9.97
C GLY A 105 -5.16 -7.01 9.76
N CYS A 106 -5.38 -7.84 8.70
CA CYS A 106 -6.72 -8.24 8.33
C CYS A 106 -6.88 -9.71 8.04
N TYR A 107 -5.79 -10.47 7.91
CA TYR A 107 -5.90 -11.83 7.39
C TYR A 107 -4.77 -12.71 7.88
N PRO A 108 -5.08 -13.91 8.38
CA PRO A 108 -6.39 -14.40 8.77
C PRO A 108 -6.96 -13.52 9.84
N LEU A 109 -8.27 -13.44 9.91
CA LEU A 109 -8.92 -12.59 10.88
C LEU A 109 -9.15 -13.34 12.19
N HIS A 110 -8.05 -13.57 12.90
CA HIS A 110 -8.09 -14.21 14.21
C HIS A 110 -8.90 -13.36 15.17
N GLU A 111 -9.57 -14.02 16.13
CA GLU A 111 -10.36 -13.29 17.12
C GLU A 111 -9.48 -12.30 17.87
N GLU A 112 -8.23 -12.68 18.17
CA GLU A 112 -7.31 -11.82 18.90
C GLU A 112 -6.97 -10.58 18.07
N LEU A 113 -6.89 -10.73 16.76
CA LEU A 113 -6.64 -9.59 15.88
C LEU A 113 -7.87 -8.70 15.78
N LEU A 114 -9.02 -9.31 15.55
CA LEU A 114 -10.26 -8.54 15.44
C LEU A 114 -10.54 -7.77 16.72
N ASN A 115 -10.23 -8.35 17.87
CA ASN A 115 -10.52 -7.64 19.13
C ASN A 115 -9.58 -6.49 19.41
N SER A 116 -8.53 -6.31 18.61
CA SER A 116 -7.70 -5.13 18.68
C SER A 116 -8.23 -3.99 17.83
N TRP A 117 -9.15 -4.27 16.90
CA TRP A 117 -9.68 -3.24 16.04
C TRP A 117 -10.56 -2.29 16.84
N PRO A 118 -10.79 -1.08 16.31
CA PRO A 118 -11.75 -0.19 16.94
C PRO A 118 -13.10 -0.85 17.11
N GLU A 119 -13.77 -0.50 18.21
N GLU A 119 -13.72 -0.54 18.24
CA GLU A 119 -15.18 -0.82 18.37
CA GLU A 119 -15.12 -0.82 18.49
C GLU A 119 -16.06 0.42 18.28
C GLU A 119 -15.99 0.36 18.09
N LYS A 120 -15.46 1.58 18.19
CA LYS A 120 -16.13 2.81 17.84
C LYS A 120 -15.37 3.44 16.69
N PRO A 121 -16.03 3.88 15.60
CA PRO A 121 -17.50 3.85 15.42
C PRO A 121 -18.05 2.44 15.40
N PRO A 122 -19.32 2.28 15.80
CA PRO A 122 -19.81 0.92 16.07
C PRO A 122 -19.91 0.02 14.86
N THR A 123 -19.96 0.54 13.65
CA THR A 123 -19.97 -0.27 12.44
C THR A 123 -18.56 -0.64 11.95
N TYR A 124 -17.52 -0.24 12.67
CA TYR A 124 -16.16 -0.49 12.19
C TYR A 124 -15.94 -1.95 11.86
N ARG A 125 -16.17 -2.84 12.82
CA ARG A 125 -15.78 -4.22 12.59
C ARG A 125 -16.56 -4.87 11.46
N ASP A 126 -17.86 -4.62 11.37
CA ASP A 126 -18.64 -5.24 10.29
C ASP A 126 -18.20 -4.70 8.94
N VAL A 127 -18.12 -3.39 8.80
CA VAL A 127 -17.79 -2.79 7.51
C VAL A 127 -16.38 -3.16 7.09
N ILE A 128 -15.42 -3.00 8.00
CA ILE A 128 -14.03 -3.16 7.60
C ILE A 128 -13.67 -4.63 7.43
N ALA A 129 -14.30 -5.54 8.18
CA ALA A 129 -14.06 -6.95 7.88
C ALA A 129 -14.58 -7.31 6.48
N LYS A 130 -15.78 -6.84 6.13
CA LYS A 130 -16.33 -7.11 4.79
C LYS A 130 -15.45 -6.46 3.72
N TYR A 131 -15.04 -5.22 3.96
CA TYR A 131 -14.16 -4.53 3.03
C TYR A 131 -12.87 -5.31 2.81
N SER A 132 -12.22 -5.73 3.90
N SER A 132 -12.23 -5.74 3.90
CA SER A 132 -10.97 -6.45 3.80
CA SER A 132 -10.96 -6.43 3.78
C SER A 132 -11.11 -7.71 2.96
C SER A 132 -11.10 -7.73 2.98
N VAL A 133 -12.20 -8.45 3.17
CA VAL A 133 -12.42 -9.68 2.40
C VAL A 133 -12.55 -9.36 0.91
N GLU A 134 -13.33 -8.32 0.58
CA GLU A 134 -13.52 -7.96 -0.81
C GLU A 134 -12.24 -7.46 -1.44
N VAL A 135 -11.48 -6.59 -0.72
CA VAL A 135 -10.26 -6.08 -1.33
C VAL A 135 -9.22 -7.18 -1.50
N ARG A 136 -9.16 -8.14 -0.55
CA ARG A 136 -8.26 -9.26 -0.74
C ARG A 136 -8.65 -10.07 -1.99
N LYS A 137 -9.95 -10.31 -2.18
N LYS A 137 -9.95 -10.34 -2.17
CA LYS A 137 -10.39 -11.07 -3.34
CA LYS A 137 -10.39 -11.08 -3.35
C LYS A 137 -10.00 -10.37 -4.62
C LYS A 137 -9.96 -10.37 -4.62
N LEU A 138 -10.15 -9.05 -4.66
CA LEU A 138 -9.74 -8.29 -5.84
C LEU A 138 -8.24 -8.36 -6.03
N THR A 139 -7.48 -8.23 -4.94
CA THR A 139 -6.03 -8.31 -5.04
C THR A 139 -5.58 -9.64 -5.61
N MET A 140 -6.17 -10.74 -5.12
CA MET A 140 -5.77 -12.05 -5.62
C MET A 140 -6.13 -12.22 -7.09
N ARG A 141 -7.24 -11.62 -7.54
CA ARG A 141 -7.60 -11.63 -8.96
CA ARG A 141 -7.58 -11.64 -8.95
C ARG A 141 -6.54 -10.91 -9.77
N ILE A 142 -6.09 -9.73 -9.28
CA ILE A 142 -5.09 -8.97 -10.00
C ILE A 142 -3.76 -9.71 -10.04
N LEU A 143 -3.41 -10.38 -8.93
CA LEU A 143 -2.20 -11.19 -8.93
C LEU A 143 -2.27 -12.34 -9.93
N ASP A 144 -3.46 -12.90 -10.17
CA ASP A 144 -3.61 -13.94 -11.20
C ASP A 144 -3.51 -13.38 -12.61
N TYR A 145 -4.01 -12.17 -12.85
CA TYR A 145 -3.76 -11.52 -14.15
C TYR A 145 -2.26 -11.32 -14.34
N ILE A 146 -1.56 -10.89 -13.26
CA ILE A 146 -0.11 -10.74 -13.29
C ILE A 146 0.58 -12.08 -13.56
N CYS A 147 0.10 -13.17 -12.94
CA CYS A 147 0.67 -14.47 -13.23
C CYS A 147 0.58 -14.78 -14.71
N GLU A 148 -0.59 -14.55 -15.32
CA GLU A 148 -0.74 -14.88 -16.73
C GLU A 148 0.17 -14.01 -17.57
N GLY A 149 0.34 -12.74 -17.20
CA GLY A 149 1.22 -11.87 -17.96
C GLY A 149 2.68 -12.25 -17.86
N LEU A 150 3.10 -12.79 -16.71
CA LEU A 150 4.46 -13.28 -16.52
C LEU A 150 4.69 -14.69 -17.06
N GLY A 151 3.63 -15.39 -17.41
CA GLY A 151 3.74 -16.77 -17.83
C GLY A 151 3.78 -17.79 -16.71
N LEU A 152 3.31 -17.43 -15.52
CA LEU A 152 3.30 -18.35 -14.38
C LEU A 152 1.94 -18.98 -14.21
N LYS A 153 1.90 -20.12 -13.56
N LYS A 153 1.93 -20.11 -13.52
CA LYS A 153 0.63 -20.79 -13.32
CA LYS A 153 0.68 -20.77 -13.17
C LYS A 153 -0.21 -19.96 -12.34
C LYS A 153 -0.21 -19.82 -12.38
N LEU A 154 -1.51 -19.91 -12.60
CA LEU A 154 -2.43 -19.21 -11.72
C LEU A 154 -2.26 -19.70 -10.29
N GLY A 155 -2.41 -18.80 -9.36
CA GLY A 155 -2.28 -19.12 -7.97
C GLY A 155 -0.87 -19.06 -7.43
N TYR A 156 0.11 -18.62 -8.24
CA TYR A 156 1.49 -18.59 -7.81
C TYR A 156 1.68 -17.86 -6.48
N PHE A 157 0.96 -16.76 -6.28
CA PHE A 157 1.13 -15.94 -5.09
C PHE A 157 0.19 -16.29 -3.94
N ASP A 158 -0.66 -17.31 -4.13
CA ASP A 158 -1.66 -17.70 -3.14
C ASP A 158 -1.02 -18.66 -2.13
N ASN A 159 -0.14 -18.09 -1.30
CA ASN A 159 0.66 -18.79 -0.30
C ASN A 159 1.30 -17.78 0.65
N GLU A 160 2.40 -18.13 1.31
N GLU A 160 2.42 -18.15 1.27
CA GLU A 160 3.00 -17.23 2.28
CA GLU A 160 3.11 -17.29 2.24
C GLU A 160 3.44 -15.90 1.68
C GLU A 160 3.45 -15.92 1.67
N LEU A 161 3.53 -15.78 0.35
CA LEU A 161 3.87 -14.50 -0.25
C LEU A 161 2.78 -13.46 -0.09
N THR A 162 1.56 -13.85 0.30
CA THR A 162 0.45 -12.94 0.54
C THR A 162 -0.12 -13.13 1.94
N GLN A 163 0.71 -13.60 2.88
CA GLN A 163 0.26 -13.95 4.20
C GLN A 163 -0.16 -12.73 5.03
N ILE A 164 0.40 -11.56 4.75
N ILE A 164 0.41 -11.58 4.73
CA ILE A 164 0.09 -10.38 5.54
CA ILE A 164 0.14 -10.35 5.46
C ILE A 164 -0.71 -9.40 4.71
C ILE A 164 -0.80 -9.49 4.64
N GLN A 165 -1.80 -8.93 5.29
CA GLN A 165 -2.73 -7.96 4.66
C GLN A 165 -2.88 -6.82 5.68
N MET A 166 -2.12 -5.76 5.48
CA MET A 166 -2.20 -4.60 6.38
C MET A 166 -3.15 -3.58 5.78
N LEU A 167 -4.12 -3.12 6.57
CA LEU A 167 -4.92 -1.96 6.22
C LEU A 167 -4.29 -0.74 6.86
N LEU A 168 -3.94 0.24 6.05
CA LEU A 168 -3.40 1.53 6.51
C LEU A 168 -4.38 2.61 6.10
N ALA A 169 -5.06 3.19 7.06
CA ALA A 169 -5.96 4.32 6.82
C ALA A 169 -5.17 5.58 7.17
N ASN A 170 -4.87 6.40 6.18
N ASN A 170 -4.88 6.37 6.19
CA ASN A 170 -3.96 7.55 6.32
CA ASN A 170 -4.07 7.57 6.39
C ASN A 170 -4.77 8.85 6.33
C ASN A 170 -4.95 8.79 6.49
N TYR A 171 -4.50 9.72 7.32
CA TYR A 171 -5.17 11.00 7.49
C TYR A 171 -4.13 12.08 7.35
N TYR A 172 -4.36 12.98 6.40
CA TYR A 172 -3.45 14.06 6.08
C TYR A 172 -4.14 15.37 6.41
N PRO A 173 -3.80 16.02 7.52
CA PRO A 173 -4.42 17.32 7.81
C PRO A 173 -4.15 18.32 6.70
N SER A 174 -5.16 19.13 6.39
CA SER A 174 -4.99 20.16 5.38
C SER A 174 -4.05 21.25 5.90
N CYS A 175 -3.40 21.93 4.96
CA CYS A 175 -2.65 23.11 5.35
C CYS A 175 -2.42 23.95 4.10
N PRO A 176 -2.82 25.22 4.13
CA PRO A 176 -2.65 26.06 2.94
C PRO A 176 -1.26 26.65 2.81
N ASP A 177 -0.51 26.70 3.90
CA ASP A 177 0.83 27.31 3.94
C ASP A 177 1.72 26.41 4.78
N PRO A 178 2.06 25.23 4.27
CA PRO A 178 2.81 24.27 5.09
C PRO A 178 4.31 24.47 5.02
N SER A 179 4.99 24.04 6.08
CA SER A 179 6.45 24.07 6.10
C SER A 179 7.03 23.30 4.92
N THR A 180 6.43 22.16 4.59
CA THR A 180 6.73 21.38 3.39
C THR A 180 5.41 20.90 2.82
N THR A 181 5.25 21.00 1.48
CA THR A 181 3.99 20.58 0.88
C THR A 181 3.80 19.06 0.87
N ILE A 182 4.87 18.29 0.98
CA ILE A 182 4.74 16.83 0.93
CA ILE A 182 4.76 16.83 0.93
C ILE A 182 4.41 16.31 2.32
N GLY A 183 3.25 15.64 2.44
CA GLY A 183 2.80 15.06 3.69
C GLY A 183 3.30 13.63 3.88
N SER A 184 3.44 12.89 2.77
CA SER A 184 4.09 11.58 2.76
C SER A 184 5.16 11.57 1.67
N GLY A 185 6.42 11.44 2.07
CA GLY A 185 7.52 11.53 1.13
C GLY A 185 7.56 10.37 0.15
N GLY A 186 8.28 10.58 -0.94
CA GLY A 186 8.29 9.58 -2.00
C GLY A 186 8.86 8.26 -1.53
N HIS A 187 8.25 7.17 -1.98
CA HIS A 187 8.68 5.84 -1.56
C HIS A 187 8.16 4.82 -2.56
N TYR A 188 8.83 3.68 -2.60
CA TYR A 188 8.19 2.45 -3.01
C TYR A 188 7.50 1.87 -1.79
N ASP A 189 6.39 1.17 -1.98
CA ASP A 189 5.89 0.29 -0.94
C ASP A 189 6.81 -0.93 -0.89
N GLY A 190 7.06 -1.44 0.33
CA GLY A 190 8.02 -2.52 0.47
C GLY A 190 7.45 -3.90 0.19
N ASN A 191 6.12 -4.01 0.29
CA ASN A 191 5.40 -5.28 0.19
C ASN A 191 5.24 -5.72 -1.27
N LEU A 192 4.32 -6.67 -1.50
CA LEU A 192 4.16 -7.24 -2.84
C LEU A 192 3.28 -6.34 -3.72
N ILE A 193 2.09 -6.03 -3.27
CA ILE A 193 1.11 -5.26 -4.04
C ILE A 193 0.24 -4.50 -3.05
N THR A 194 -0.19 -3.30 -3.46
CA THR A 194 -1.03 -2.45 -2.64
C THR A 194 -2.22 -1.98 -3.47
N LEU A 195 -3.40 -1.98 -2.86
CA LEU A 195 -4.59 -1.36 -3.41
C LEU A 195 -4.95 -0.15 -2.54
N LEU A 196 -5.20 0.96 -3.17
CA LEU A 196 -5.41 2.23 -2.47
C LEU A 196 -6.70 2.86 -2.94
N GLN A 197 -7.56 3.20 -2.00
CA GLN A 197 -8.80 3.91 -2.24
C GLN A 197 -8.65 5.37 -1.82
N GLN A 198 -8.93 6.28 -2.76
CA GLN A 198 -8.81 7.70 -2.49
C GLN A 198 -9.99 8.43 -3.14
N ASP A 199 -10.25 9.63 -2.64
CA ASP A 199 -11.33 10.45 -3.19
C ASP A 199 -10.96 11.91 -3.34
N LEU A 200 -9.70 12.29 -3.07
N LEU A 200 -9.69 12.28 -3.15
CA LEU A 200 -9.22 13.66 -3.19
CA LEU A 200 -9.22 13.66 -3.13
C LEU A 200 -7.83 13.64 -3.80
C LEU A 200 -7.81 13.70 -3.71
N VAL A 201 -7.52 14.73 -4.52
CA VAL A 201 -6.20 14.88 -5.11
CA VAL A 201 -6.20 14.87 -5.11
C VAL A 201 -5.11 14.90 -4.03
N GLY A 202 -3.92 14.46 -4.42
CA GLY A 202 -2.77 14.49 -3.54
C GLY A 202 -1.76 13.40 -3.86
N LEU A 203 -2.21 12.29 -4.43
CA LEU A 203 -1.31 11.19 -4.77
C LEU A 203 -0.60 11.50 -6.09
N GLN A 204 0.72 11.35 -6.10
CA GLN A 204 1.52 11.54 -7.30
C GLN A 204 2.44 10.35 -7.49
N GLN A 205 2.77 10.08 -8.77
N GLN A 205 2.75 10.06 -8.74
CA GLN A 205 3.65 9.01 -9.18
CA GLN A 205 3.73 9.02 -9.03
C GLN A 205 4.87 9.62 -9.84
C GLN A 205 4.89 9.64 -9.79
N LEU A 206 6.06 9.07 -9.57
CA LEU A 206 7.27 9.49 -10.24
C LEU A 206 7.44 8.72 -11.52
N ILE A 207 7.44 9.45 -12.64
CA ILE A 207 7.75 8.88 -13.96
C ILE A 207 9.26 8.97 -14.08
N VAL A 208 9.95 7.88 -13.75
CA VAL A 208 11.41 7.91 -13.64
C VAL A 208 12.05 8.23 -14.98
N LYS A 209 11.54 7.64 -16.06
CA LYS A 209 12.11 7.86 -17.39
C LYS A 209 12.03 9.31 -17.80
N ASP A 210 11.07 10.05 -17.24
CA ASP A 210 10.87 11.45 -17.59
C ASP A 210 11.23 12.38 -16.44
N ASP A 211 11.70 11.84 -15.31
CA ASP A 211 12.04 12.64 -14.13
C ASP A 211 10.94 13.65 -13.80
N LYS A 212 9.71 13.15 -13.65
CA LYS A 212 8.54 14.01 -13.50
C LYS A 212 7.55 13.36 -12.55
N TRP A 213 7.09 14.12 -11.55
CA TRP A 213 5.98 13.69 -10.69
C TRP A 213 4.68 14.13 -11.32
N ILE A 214 3.74 13.19 -11.44
CA ILE A 214 2.45 13.45 -12.05
C ILE A 214 1.33 12.99 -11.13
N ALA A 215 0.18 13.64 -11.25
CA ALA A 215 -0.97 13.30 -10.44
C ALA A 215 -1.54 11.95 -10.80
N VAL A 216 -2.02 11.23 -9.78
CA VAL A 216 -2.84 10.03 -9.92
C VAL A 216 -4.28 10.47 -9.63
N GLU A 217 -5.08 10.58 -10.67
N GLU A 217 -5.08 10.60 -10.67
CA GLU A 217 -6.41 11.19 -10.58
CA GLU A 217 -6.37 11.27 -10.54
C GLU A 217 -7.25 10.49 -9.52
C GLU A 217 -7.26 10.52 -9.56
N PRO A 218 -7.92 11.23 -8.64
CA PRO A 218 -8.80 10.56 -7.67
C PRO A 218 -10.10 10.15 -8.30
N ILE A 219 -10.37 8.85 -8.28
CA ILE A 219 -11.63 8.28 -8.76
C ILE A 219 -12.20 7.57 -7.54
N PRO A 220 -13.24 8.10 -6.89
CA PRO A 220 -13.59 7.58 -5.57
C PRO A 220 -14.00 6.14 -5.54
N THR A 221 -14.51 5.59 -6.63
CA THR A 221 -14.93 4.20 -6.67
C THR A 221 -13.92 3.28 -7.34
N ALA A 222 -12.75 3.79 -7.70
CA ALA A 222 -11.69 2.96 -8.27
C ALA A 222 -10.73 2.51 -7.18
N PHE A 223 -9.90 1.54 -7.51
CA PHE A 223 -8.70 1.29 -6.69
C PHE A 223 -7.45 1.62 -7.49
N VAL A 224 -6.52 2.30 -6.83
CA VAL A 224 -5.18 2.45 -7.38
C VAL A 224 -4.40 1.20 -6.99
N VAL A 225 -3.72 0.62 -7.95
CA VAL A 225 -2.90 -0.57 -7.73
C VAL A 225 -1.45 -0.15 -7.89
N ASN A 226 -0.65 -0.42 -6.85
N ASN A 226 -0.63 -0.45 -6.90
CA ASN A 226 0.79 -0.16 -6.81
CA ASN A 226 0.78 -0.17 -7.09
C ASN A 226 1.54 -1.48 -6.67
C ASN A 226 1.62 -1.34 -6.61
N LEU A 227 2.62 -1.65 -7.44
CA LEU A 227 3.48 -2.79 -7.21
C LEU A 227 4.58 -2.39 -6.24
N GLY A 228 4.85 -3.24 -5.28
CA GLY A 228 5.89 -2.97 -4.30
C GLY A 228 7.24 -3.50 -4.72
N LEU A 229 8.25 -3.14 -3.89
CA LEU A 229 9.59 -3.63 -4.14
C LEU A 229 9.67 -5.14 -4.17
N THR A 230 8.87 -5.83 -3.37
CA THR A 230 8.93 -7.28 -3.36
C THR A 230 8.57 -7.86 -4.74
N LEU A 231 7.58 -7.26 -5.42
CA LEU A 231 7.24 -7.75 -6.76
C LEU A 231 8.25 -7.29 -7.78
N LYS A 232 8.84 -6.11 -7.62
CA LYS A 232 9.92 -5.73 -8.52
C LYS A 232 11.03 -6.79 -8.47
N VAL A 233 11.41 -7.21 -7.26
CA VAL A 233 12.46 -8.21 -7.11
C VAL A 233 12.01 -9.55 -7.68
N MET A 234 10.82 -10.00 -7.28
N MET A 234 10.80 -9.99 -7.29
CA MET A 234 10.36 -11.32 -7.72
CA MET A 234 10.36 -11.32 -7.72
C MET A 234 10.28 -11.39 -9.24
C MET A 234 10.21 -11.42 -9.23
N SER A 235 9.84 -10.32 -9.89
CA SER A 235 9.76 -10.29 -11.34
C SER A 235 11.11 -10.09 -12.00
N ASN A 236 12.18 -9.98 -11.23
CA ASN A 236 13.52 -9.73 -11.75
C ASN A 236 13.57 -8.45 -12.55
N GLU A 237 12.83 -7.45 -12.11
CA GLU A 237 12.73 -6.13 -12.72
C GLU A 237 12.02 -6.14 -14.07
N LYS A 238 11.39 -7.24 -14.46
CA LYS A 238 10.50 -7.21 -15.62
CA LYS A 238 10.52 -7.19 -15.63
C LYS A 238 9.34 -6.24 -15.39
N PHE A 239 8.90 -6.12 -14.15
CA PHE A 239 7.92 -5.13 -13.75
C PHE A 239 8.60 -4.05 -12.92
N GLU A 240 8.04 -2.85 -12.99
CA GLU A 240 8.51 -1.76 -12.16
C GLU A 240 7.77 -1.78 -10.83
N GLY A 241 8.46 -1.32 -9.79
CA GLY A 241 7.74 -0.88 -8.63
C GLY A 241 7.35 0.58 -8.76
N SER A 242 6.30 0.98 -8.05
CA SER A 242 5.80 2.34 -8.10
C SER A 242 6.47 3.20 -7.02
N ILE A 243 7.06 4.31 -7.44
CA ILE A 243 7.52 5.35 -6.53
C ILE A 243 6.44 6.42 -6.52
N HIS A 244 5.87 6.69 -5.35
CA HIS A 244 4.74 7.59 -5.22
C HIS A 244 4.90 8.42 -3.96
N ARG A 245 4.14 9.52 -3.90
CA ARG A 245 4.18 10.41 -2.75
C ARG A 245 2.81 11.06 -2.60
N VAL A 246 2.60 11.72 -1.48
CA VAL A 246 1.35 12.45 -1.21
C VAL A 246 1.66 13.91 -0.89
N VAL A 247 0.95 14.82 -1.54
N VAL A 247 0.96 14.80 -1.56
CA VAL A 247 1.05 16.25 -1.27
CA VAL A 247 0.98 16.25 -1.31
C VAL A 247 -0.16 16.67 -0.45
C VAL A 247 -0.17 16.60 -0.39
N THR A 248 0.10 17.35 0.66
CA THR A 248 -0.94 17.82 1.56
C THR A 248 -1.92 18.71 0.79
N HIS A 249 -3.21 18.54 1.07
CA HIS A 249 -4.25 19.34 0.44
C HIS A 249 -4.36 20.70 1.12
N PRO A 250 -4.57 21.76 0.35
CA PRO A 250 -4.62 23.09 0.98
C PRO A 250 -5.90 23.35 1.78
N ILE A 251 -6.97 22.60 1.53
CA ILE A 251 -8.32 22.93 1.99
C ILE A 251 -8.92 21.82 2.82
N ARG A 252 -8.79 20.58 2.38
CA ARG A 252 -9.53 19.47 2.96
CA ARG A 252 -9.52 19.46 2.96
C ARG A 252 -8.57 18.46 3.58
N ASN A 253 -8.98 17.88 4.69
CA ASN A 253 -8.23 16.79 5.28
C ASN A 253 -8.46 15.56 4.42
N ARG A 254 -7.39 14.95 3.93
CA ARG A 254 -7.51 13.85 3.00
C ARG A 254 -7.37 12.53 3.74
N ILE A 255 -8.23 11.57 3.41
CA ILE A 255 -8.14 10.20 3.93
C ILE A 255 -7.96 9.25 2.77
N SER A 256 -7.01 8.33 2.90
CA SER A 256 -6.89 7.23 1.94
C SER A 256 -6.89 5.91 2.68
N ILE A 257 -7.34 4.86 2.01
CA ILE A 257 -7.42 3.53 2.59
C ILE A 257 -6.54 2.63 1.78
N GLY A 258 -5.46 2.15 2.36
CA GLY A 258 -4.53 1.27 1.66
C GLY A 258 -4.61 -0.14 2.20
N THR A 259 -4.59 -1.11 1.30
CA THR A 259 -4.53 -2.53 1.62
C THR A 259 -3.19 -3.03 1.06
N LEU A 260 -2.25 -3.30 1.97
CA LEU A 260 -0.89 -3.63 1.64
C LEU A 260 -0.68 -5.12 1.88
N ILE A 261 -0.58 -5.88 0.80
CA ILE A 261 -0.45 -7.35 0.88
C ILE A 261 0.97 -7.74 0.55
N GLY A 262 1.46 -8.72 1.29
CA GLY A 262 2.81 -9.16 1.07
C GLY A 262 3.22 -10.30 1.97
N PRO A 263 4.49 -10.65 1.92
CA PRO A 263 4.98 -11.83 2.62
C PRO A 263 4.98 -11.65 4.11
N ASP A 264 4.98 -12.82 4.75
N ASP A 264 5.13 -12.75 4.83
CA ASP A 264 5.32 -12.97 6.14
CA ASP A 264 5.33 -12.59 6.28
C ASP A 264 6.78 -12.59 6.38
C ASP A 264 6.82 -12.52 6.63
N TYR A 265 7.09 -12.25 7.62
N TYR A 265 7.09 -12.22 7.89
CA TYR A 265 8.45 -11.82 7.95
CA TYR A 265 8.45 -11.85 8.32
C TYR A 265 9.42 -12.99 8.04
C TYR A 265 9.34 -13.06 8.54
N SER A 266 8.93 -14.23 8.06
CA SER A 266 9.76 -15.41 8.09
C SER A 266 10.08 -15.89 6.68
N CYS A 267 9.69 -15.12 5.65
CA CYS A 267 9.82 -15.54 4.27
CA CYS A 267 9.82 -15.52 4.26
C CYS A 267 11.17 -15.11 3.70
N THR A 268 11.66 -15.90 2.76
CA THR A 268 12.84 -15.56 1.96
C THR A 268 12.37 -15.12 0.57
N ILE A 269 12.89 -13.98 0.10
CA ILE A 269 12.49 -13.36 -1.15
C ILE A 269 13.61 -13.56 -2.17
N GLU A 270 13.25 -13.93 -3.38
CA GLU A 270 14.22 -13.99 -4.47
C GLU A 270 13.49 -13.85 -5.80
N PRO A 271 14.19 -13.51 -6.87
CA PRO A 271 13.59 -13.58 -8.20
C PRO A 271 12.99 -14.95 -8.46
N ILE A 272 11.76 -14.95 -9.00
CA ILE A 272 11.05 -16.20 -9.29
C ILE A 272 11.90 -17.07 -10.19
N LYS A 273 12.22 -18.28 -9.71
CA LYS A 273 13.25 -19.10 -10.33
C LYS A 273 12.85 -19.55 -11.72
N GLU A 274 11.57 -19.87 -11.91
CA GLU A 274 11.11 -20.41 -13.17
C GLU A 274 11.29 -19.43 -14.31
N LEU A 275 11.40 -18.14 -14.01
CA LEU A 275 11.55 -17.13 -15.04
C LEU A 275 13.00 -16.78 -15.34
N ILE A 276 13.93 -17.20 -14.50
CA ILE A 276 15.35 -16.95 -14.73
C ILE A 276 15.82 -17.75 -15.92
N SER A 277 16.75 -17.18 -16.68
CA SER A 277 17.30 -17.84 -17.85
C SER A 277 18.68 -17.26 -18.10
N GLN A 278 19.33 -17.76 -19.16
CA GLN A 278 20.67 -17.26 -19.46
C GLN A 278 20.68 -15.77 -19.79
N GLU A 279 19.67 -15.31 -20.53
N GLU A 279 19.65 -15.31 -20.51
CA GLU A 279 19.56 -13.89 -20.86
CA GLU A 279 19.53 -13.90 -20.87
C GLU A 279 18.90 -13.08 -19.76
C GLU A 279 18.71 -13.10 -19.87
N ASN A 280 18.28 -13.74 -18.78
CA ASN A 280 17.56 -13.10 -17.68
C ASN A 280 18.16 -13.61 -16.38
N PRO A 281 19.45 -13.38 -16.14
CA PRO A 281 20.07 -13.88 -14.92
C PRO A 281 19.50 -13.12 -13.72
N PRO A 282 19.55 -13.71 -12.54
CA PRO A 282 18.95 -13.03 -11.37
C PRO A 282 19.65 -11.73 -11.06
N LEU A 283 18.85 -10.70 -10.75
CA LEU A 283 19.40 -9.40 -10.40
C LEU A 283 19.45 -9.16 -8.90
N TYR A 284 18.92 -10.08 -8.10
CA TYR A 284 19.00 -10.04 -6.66
C TYR A 284 19.30 -11.44 -6.17
N LYS A 285 20.12 -11.53 -5.11
CA LYS A 285 20.26 -12.80 -4.41
C LYS A 285 19.17 -12.95 -3.36
N PRO A 286 18.90 -14.16 -2.91
CA PRO A 286 17.81 -14.35 -1.94
C PRO A 286 18.11 -13.63 -0.64
N TYR A 287 17.04 -13.13 0.00
CA TYR A 287 17.23 -12.41 1.25
C TYR A 287 16.06 -12.63 2.18
N PRO A 288 16.26 -12.44 3.49
CA PRO A 288 15.16 -12.56 4.45
C PRO A 288 14.29 -11.31 4.39
N TYR A 289 12.97 -11.51 4.25
CA TYR A 289 12.08 -10.36 4.21
C TYR A 289 12.24 -9.48 5.43
N ALA A 290 12.51 -10.07 6.60
CA ALA A 290 12.61 -9.28 7.81
C ALA A 290 13.85 -8.39 7.80
N GLU A 291 14.94 -8.87 7.21
CA GLU A 291 16.15 -8.07 7.12
C GLU A 291 15.96 -6.94 6.13
N PHE A 292 15.35 -7.23 4.98
CA PHE A 292 14.93 -6.19 4.05
C PHE A 292 14.06 -5.14 4.75
N ALA A 293 13.08 -5.60 5.54
CA ALA A 293 12.11 -4.67 6.12
C ALA A 293 12.81 -3.70 7.05
N GLU A 294 13.77 -4.19 7.83
N GLU A 294 13.79 -4.19 7.83
CA GLU A 294 14.52 -3.31 8.73
CA GLU A 294 14.52 -3.32 8.73
C GLU A 294 15.22 -2.21 7.96
C GLU A 294 15.23 -2.22 7.97
N ILE A 295 15.88 -2.56 6.85
CA ILE A 295 16.58 -1.56 6.06
C ILE A 295 15.59 -0.63 5.38
N TYR A 296 14.51 -1.19 4.83
CA TYR A 296 13.50 -0.39 4.17
C TYR A 296 12.93 0.68 5.08
N LEU A 297 12.69 0.33 6.34
CA LEU A 297 12.10 1.26 7.29
C LEU A 297 13.10 2.26 7.87
N SER A 298 14.39 1.94 7.83
N SER A 298 14.40 1.97 7.80
CA SER A 298 15.41 2.75 8.49
CA SER A 298 15.39 2.77 8.51
C SER A 298 16.19 3.64 7.54
C SER A 298 16.35 3.54 7.62
N ASP A 299 16.52 3.13 6.36
CA ASP A 299 17.45 3.78 5.45
C ASP A 299 16.66 4.42 4.30
N LYS A 300 16.54 5.75 4.35
CA LYS A 300 15.83 6.50 3.32
C LYS A 300 16.78 7.18 2.35
N SER A 301 18.02 6.69 2.24
CA SER A 301 19.03 7.35 1.41
C SER A 301 18.73 7.23 -0.07
N ASP A 302 18.08 6.14 -0.48
CA ASP A 302 17.63 5.92 -1.84
C ASP A 302 16.28 5.21 -1.76
N TYR A 303 15.46 5.38 -2.80
CA TYR A 303 14.14 4.75 -2.79
C TYR A 303 14.25 3.24 -2.61
N ASP A 304 15.26 2.62 -3.20
CA ASP A 304 15.42 1.17 -3.15
C ASP A 304 16.57 0.75 -2.24
N ALA A 305 16.89 1.59 -1.25
CA ALA A 305 17.91 1.25 -0.24
C ALA A 305 17.67 -0.14 0.37
N GLY A 306 16.41 -0.53 0.54
CA GLY A 306 16.12 -1.81 1.17
C GLY A 306 16.64 -3.01 0.42
N VAL A 307 16.74 -2.91 -0.91
CA VAL A 307 17.21 -4.05 -1.72
C VAL A 307 18.61 -3.87 -2.27
N LYS A 308 19.21 -2.69 -2.13
CA LYS A 308 20.57 -2.47 -2.65
C LYS A 308 21.56 -3.52 -2.16
N PRO A 309 21.55 -3.95 -0.91
CA PRO A 309 22.55 -4.94 -0.46
C PRO A 309 22.46 -6.27 -1.18
N TYR A 310 21.33 -6.57 -1.82
CA TYR A 310 21.10 -7.87 -2.41
C TYR A 310 21.25 -7.86 -3.92
N LYS A 311 21.58 -6.73 -4.52
CA LYS A 311 21.73 -6.66 -5.98
C LYS A 311 22.95 -7.45 -6.43
N ILE A 312 22.80 -8.18 -7.53
CA ILE A 312 23.85 -8.99 -8.15
C ILE A 312 23.72 -8.88 -9.66
N ASN A 313 24.71 -9.36 -10.38
CA ASN A 313 24.78 -9.41 -11.87
C ASN A 313 24.55 -8.02 -12.43
N GLN A 314 25.08 -7.02 -11.74
CA GLN A 314 24.95 -5.62 -12.15
C GLN A 314 25.93 -5.40 -13.29
N PHE A 315 25.51 -4.79 -14.37
CA PHE A 315 26.40 -4.54 -15.51
C PHE A 315 26.18 -3.14 -16.05
#